data_3IN9
#
_entry.id   3IN9
#
_cell.length_a   112.789
_cell.length_b   63.531
_cell.length_c   65.204
_cell.angle_alpha   90.000
_cell.angle_beta   115.470
_cell.angle_gamma   90.000
#
_symmetry.space_group_name_H-M   'C 1 2 1'
#
loop_
_entity.id
_entity.type
_entity.pdbx_description
1 polymer 'Heparin lyase I'
2 branched '4-deoxy-2-O-sulfo-alpha-L-threo-hex-4-enopyranuronic acid-(1-4)-2-deoxy-6-O-sulfo-2-(sulfoamino)-alpha-D-glucopyranose'
3 non-polymer 'CALCIUM ION'
4 water water
#
_entity_poly.entity_id   1
_entity_poly.type   'polypeptide(L)'
_entity_poly.pdbx_seq_one_letter_code
;MLTAQTKNTQTLMPLTERVNVQADSARINQIIDGCWVAVGTNKPHAIQRDFTNLFDGKPSYRFELKTEDNTLEGYAKGET
KGRAEFSYCYATSDDFKGLPADVYQKAQITKTVYHHGKGACPQGSSRDYEFSVYIPSSLDSNVSTIFAQWHGMPDRTLVQ
TPQGEVKKLTVDEFVELEKTTFFKKNAGHEKVVRLDKQGNPMKDKNGKPVYKAGKLNGWLVEQGGYPPLAFGFSGGLFYI
KANSDRKWLTDKDDRCNANPGKTPVMKPLTSEYKASTIAYKLPFADFPKDCWITFRVHIDWTVYGKEAETIVKPGMLDVR
MDYQEQGKKVSKHIVNNEKILIGRNDEDGYYFKFGIYRVGDSTVPVCYNLAGYSERLE
;
_entity_poly.pdbx_strand_id   A
#
loop_
_chem_comp.id
_chem_comp.type
_chem_comp.name
_chem_comp.formula
CA non-polymer 'CALCIUM ION' 'Ca 2'
SGN D-saccharide, alpha linking 2-deoxy-6-O-sulfo-2-(sulfoamino)-alpha-D-glucopyranose 'C6 H13 N O11 S2'
UAP L-saccharide, alpha linking '4-deoxy-2-O-sulfo-alpha-L-threo-hex-4-enopyranuronic acid' 'C6 H8 O9 S'
#
# COMPACT_ATOMS: atom_id res chain seq x y z
N THR A 6 29.50 0.62 10.54
CA THR A 6 30.60 0.75 9.54
C THR A 6 31.26 2.13 9.62
N LYS A 7 30.87 3.04 8.73
CA LYS A 7 31.43 4.39 8.71
C LYS A 7 30.76 5.31 9.74
N ASN A 8 31.54 6.23 10.29
CA ASN A 8 31.02 7.17 11.27
C ASN A 8 31.10 8.61 10.77
N THR A 9 31.51 8.76 9.51
CA THR A 9 31.61 10.08 8.88
C THR A 9 30.16 10.52 8.67
N GLN A 10 29.31 9.51 8.49
CA GLN A 10 27.88 9.67 8.30
C GLN A 10 27.30 8.35 8.79
N THR A 11 26.28 8.42 9.64
CA THR A 11 25.68 7.21 10.20
C THR A 11 24.21 7.05 9.82
N LEU A 12 23.36 7.95 10.31
CA LEU A 12 21.94 7.91 9.98
C LEU A 12 21.64 9.19 9.21
N MET A 13 21.14 9.03 7.99
CA MET A 13 20.84 10.15 7.11
C MET A 13 19.34 10.22 6.83
N PRO A 14 18.65 11.21 7.42
CA PRO A 14 17.20 11.34 7.20
C PRO A 14 16.83 11.50 5.73
N LEU A 15 15.75 10.85 5.32
CA LEU A 15 15.25 10.94 3.95
C LEU A 15 13.82 11.44 4.18
N THR A 16 13.65 12.77 4.11
CA THR A 16 12.38 13.40 4.38
C THR A 16 11.46 13.77 3.21
N GLU A 17 11.89 13.52 1.98
CA GLU A 17 11.04 13.85 0.84
C GLU A 17 9.91 12.82 0.76
N ARG A 18 8.69 13.30 0.52
CA ARG A 18 7.52 12.44 0.41
C ARG A 18 6.77 12.72 -0.88
N VAL A 19 6.19 11.68 -1.47
CA VAL A 19 5.44 11.84 -2.71
C VAL A 19 4.06 11.19 -2.62
N ASN A 20 3.05 11.88 -3.15
CA ASN A 20 1.69 11.34 -3.21
C ASN A 20 1.69 10.73 -4.61
N VAL A 21 2.01 9.45 -4.70
CA VAL A 21 2.11 8.79 -6.00
C VAL A 21 0.87 8.77 -6.87
N GLN A 22 -0.30 8.87 -6.25
CA GLN A 22 -1.55 8.85 -7.01
C GLN A 22 -1.85 10.19 -7.65
N ALA A 23 -1.47 11.28 -6.98
CA ALA A 23 -1.78 12.62 -7.47
C ALA A 23 -0.63 13.48 -7.99
N ASP A 24 0.61 13.01 -7.84
CA ASP A 24 1.75 13.80 -8.28
C ASP A 24 2.90 12.96 -8.80
N SER A 25 3.64 13.52 -9.76
CA SER A 25 4.81 12.83 -10.29
C SER A 25 5.92 13.15 -9.30
N ALA A 26 6.92 12.28 -9.20
CA ALA A 26 8.03 12.49 -8.28
C ALA A 26 9.14 13.31 -8.94
N ARG A 27 9.64 14.31 -8.23
CA ARG A 27 10.73 15.12 -8.75
C ARG A 27 12.04 14.34 -8.60
N ILE A 28 13.05 14.74 -9.36
CA ILE A 28 14.35 14.07 -9.33
C ILE A 28 14.94 13.96 -7.93
N ASN A 29 14.89 15.04 -7.16
CA ASN A 29 15.45 15.06 -5.81
C ASN A 29 14.59 14.31 -4.78
N GLN A 30 13.50 13.73 -5.23
CA GLN A 30 12.63 12.99 -4.32
C GLN A 30 12.80 11.48 -4.43
N ILE A 31 13.41 11.02 -5.52
CA ILE A 31 13.63 9.61 -5.73
C ILE A 31 14.80 9.10 -4.89
N ILE A 32 14.61 7.95 -4.26
CA ILE A 32 15.63 7.36 -3.40
C ILE A 32 16.28 6.15 -4.04
N ASP A 33 17.61 6.18 -4.10
CA ASP A 33 18.40 5.11 -4.70
C ASP A 33 17.93 4.71 -6.08
N GLY A 34 17.41 5.70 -6.82
CA GLY A 34 16.93 5.48 -8.17
C GLY A 34 15.74 4.57 -8.37
N CYS A 35 15.10 4.10 -7.30
CA CYS A 35 13.97 3.20 -7.47
C CYS A 35 12.81 3.32 -6.46
N TRP A 36 12.90 4.25 -5.52
CA TRP A 36 11.86 4.42 -4.50
C TRP A 36 11.45 5.87 -4.29
N VAL A 37 10.24 6.06 -3.75
CA VAL A 37 9.78 7.38 -3.32
C VAL A 37 9.19 7.03 -1.96
N ALA A 38 9.20 7.98 -1.03
CA ALA A 38 8.70 7.72 0.31
C ALA A 38 7.31 8.29 0.49
N VAL A 39 6.49 7.63 1.31
CA VAL A 39 5.14 8.06 1.58
C VAL A 39 4.87 8.00 3.09
N GLY A 40 4.13 8.99 3.61
CA GLY A 40 3.85 9.02 5.04
C GLY A 40 4.40 10.22 5.78
N THR A 41 4.45 10.14 7.11
CA THR A 41 4.96 11.25 7.92
C THR A 41 6.38 11.64 7.49
N ASN A 42 6.67 12.94 7.47
CA ASN A 42 8.00 13.40 7.06
C ASN A 42 8.95 13.74 8.21
N LYS A 43 8.65 13.24 9.41
CA LYS A 43 9.51 13.46 10.55
C LYS A 43 10.90 12.92 10.16
N PRO A 44 11.97 13.61 10.57
CA PRO A 44 13.33 13.16 10.23
C PRO A 44 13.68 11.72 10.64
N HIS A 45 13.31 11.33 11.85
CA HIS A 45 13.61 9.99 12.34
C HIS A 45 12.75 8.88 11.73
N ALA A 46 11.74 9.24 10.95
CA ALA A 46 10.84 8.27 10.35
C ALA A 46 11.53 7.31 9.37
N ILE A 47 12.35 7.86 8.48
CA ILE A 47 13.06 7.05 7.50
C ILE A 47 14.47 7.62 7.36
N GLN A 48 15.47 6.77 7.57
CA GLN A 48 16.85 7.23 7.47
C GLN A 48 17.73 6.17 6.79
N ARG A 49 18.68 6.63 5.99
CA ARG A 49 19.61 5.72 5.33
C ARG A 49 20.55 5.32 6.48
N ASP A 50 20.74 4.01 6.66
CA ASP A 50 21.55 3.48 7.75
C ASP A 50 22.91 2.95 7.34
N PHE A 51 23.97 3.71 7.61
CA PHE A 51 25.33 3.28 7.26
C PHE A 51 25.91 2.38 8.35
N THR A 52 25.20 2.23 9.47
CA THR A 52 25.70 1.40 10.56
C THR A 52 25.24 -0.06 10.43
N ASN A 53 24.27 -0.31 9.56
CA ASN A 53 23.74 -1.65 9.34
C ASN A 53 23.62 -1.87 7.84
N LEU A 54 24.66 -2.43 7.24
CA LEU A 54 24.68 -2.67 5.80
C LEU A 54 24.05 -3.99 5.40
N PHE A 55 23.47 -4.02 4.21
CA PHE A 55 22.92 -5.25 3.66
C PHE A 55 23.41 -5.31 2.23
N ASP A 56 24.05 -6.41 1.87
CA ASP A 56 24.59 -6.56 0.52
C ASP A 56 25.55 -5.42 0.16
N GLY A 57 26.35 -5.03 1.15
CA GLY A 57 27.33 -3.97 0.97
C GLY A 57 26.76 -2.59 0.75
N LYS A 58 25.49 -2.42 1.08
CA LYS A 58 24.83 -1.14 0.87
C LYS A 58 24.09 -0.70 2.13
N PRO A 59 24.08 0.61 2.42
CA PRO A 59 23.38 1.05 3.63
C PRO A 59 21.91 0.65 3.53
N SER A 60 21.33 0.25 4.65
CA SER A 60 19.93 -0.16 4.66
C SER A 60 19.02 1.02 4.99
N TYR A 61 17.73 0.74 5.16
CA TYR A 61 16.79 1.80 5.50
C TYR A 61 16.21 1.52 6.88
N ARG A 62 16.39 2.47 7.78
CA ARG A 62 15.88 2.37 9.15
C ARG A 62 14.55 3.12 9.24
N PHE A 63 13.50 2.40 9.62
CA PHE A 63 12.18 3.00 9.75
C PHE A 63 11.82 3.08 11.22
N GLU A 64 11.22 4.19 11.62
CA GLU A 64 10.82 4.34 13.02
C GLU A 64 9.61 5.24 13.21
N LEU A 65 8.64 4.72 13.98
CA LEU A 65 7.46 5.50 14.31
C LEU A 65 7.37 5.49 15.82
N LYS A 66 7.47 6.66 16.43
CA LYS A 66 7.39 6.77 17.88
C LYS A 66 5.91 6.73 18.25
N THR A 67 5.61 6.63 19.54
CA THR A 67 4.23 6.54 19.97
C THR A 67 3.31 7.67 19.50
N GLU A 68 3.86 8.85 19.24
CA GLU A 68 3.03 9.95 18.79
C GLU A 68 3.07 10.18 17.27
N ASP A 69 3.55 9.21 16.52
CA ASP A 69 3.64 9.39 15.07
C ASP A 69 2.46 8.96 14.20
N ASN A 70 1.31 8.67 14.81
CA ASN A 70 0.12 8.30 14.04
C ASN A 70 -0.49 9.58 13.49
N THR A 71 -0.16 9.92 12.25
CA THR A 71 -0.66 11.14 11.61
C THR A 71 -1.89 10.94 10.72
N LEU A 72 -2.40 9.71 10.67
CA LEU A 72 -3.57 9.42 9.85
C LEU A 72 -4.73 8.95 10.69
N GLU A 73 -5.93 8.99 10.13
CA GLU A 73 -7.12 8.55 10.84
C GLU A 73 -7.48 7.11 10.48
N GLY A 74 -8.01 6.37 11.45
CA GLY A 74 -8.37 4.98 11.21
C GLY A 74 -9.68 4.83 10.45
N TYR A 75 -10.23 3.62 10.45
CA TYR A 75 -11.49 3.36 9.75
C TYR A 75 -12.67 3.70 10.65
N ALA A 76 -12.41 3.85 11.95
CA ALA A 76 -13.45 4.19 12.91
C ALA A 76 -13.13 5.54 13.56
N LYS A 77 -14.18 6.28 13.93
CA LYS A 77 -14.01 7.59 14.57
C LYS A 77 -13.08 7.54 15.77
N GLY A 78 -12.21 8.54 15.88
CA GLY A 78 -11.28 8.60 16.99
C GLY A 78 -10.00 7.79 16.80
N GLU A 79 -10.09 6.72 16.01
CA GLU A 79 -8.93 5.87 15.76
C GLU A 79 -7.95 6.50 14.77
N THR A 80 -6.68 6.09 14.87
CA THR A 80 -5.64 6.62 13.99
C THR A 80 -4.71 5.51 13.49
N LYS A 81 -3.75 5.91 12.66
CA LYS A 81 -2.77 4.97 12.11
C LYS A 81 -1.55 5.74 11.60
N GLY A 82 -0.39 5.11 11.69
CA GLY A 82 0.84 5.75 11.25
C GLY A 82 1.44 5.10 10.01
N ARG A 83 2.16 5.89 9.22
CA ARG A 83 2.77 5.36 8.01
C ARG A 83 4.09 6.03 7.67
N ALA A 84 5.04 5.21 7.25
CA ALA A 84 6.36 5.65 6.83
C ALA A 84 6.82 4.50 5.95
N GLU A 85 6.62 4.62 4.64
CA GLU A 85 6.99 3.55 3.72
C GLU A 85 7.67 4.03 2.46
N PHE A 86 8.21 3.06 1.72
CA PHE A 86 8.83 3.29 0.43
C PHE A 86 7.87 2.63 -0.57
N SER A 87 7.65 3.27 -1.71
CA SER A 87 6.79 2.68 -2.73
C SER A 87 7.64 2.44 -3.98
N TYR A 88 7.54 1.24 -4.56
CA TYR A 88 8.31 0.91 -5.75
C TYR A 88 7.61 1.44 -7.01
N CYS A 89 6.38 1.95 -6.84
CA CYS A 89 5.60 2.44 -7.98
C CYS A 89 5.30 3.93 -7.89
N TYR A 90 5.71 4.66 -8.92
CA TYR A 90 5.51 6.10 -9.00
C TYR A 90 5.85 6.57 -10.40
N ALA A 91 5.31 7.72 -10.78
CA ALA A 91 5.61 8.28 -12.10
C ALA A 91 6.56 9.45 -11.87
N THR A 92 7.30 9.81 -12.92
CA THR A 92 8.25 10.93 -12.87
C THR A 92 7.87 11.90 -14.00
N SER A 93 8.45 13.10 -14.01
CA SER A 93 8.14 14.04 -15.07
C SER A 93 8.51 13.43 -16.43
N ASP A 94 9.57 12.61 -16.46
CA ASP A 94 9.97 11.96 -17.71
C ASP A 94 8.85 11.13 -18.30
N ASP A 95 8.01 10.56 -17.44
CA ASP A 95 6.90 9.73 -17.91
C ASP A 95 5.85 10.52 -18.68
N PHE A 96 5.80 11.83 -18.47
CA PHE A 96 4.82 12.65 -19.16
C PHE A 96 5.44 13.55 -20.22
N LYS A 97 6.76 13.48 -20.36
CA LYS A 97 7.46 14.30 -21.35
C LYS A 97 6.98 14.02 -22.78
N GLY A 98 6.67 15.09 -23.50
CA GLY A 98 6.21 14.95 -24.88
C GLY A 98 4.71 14.84 -25.04
N LEU A 99 3.99 14.63 -23.96
CA LEU A 99 2.53 14.50 -24.03
C LEU A 99 1.85 15.85 -23.79
N PRO A 100 0.60 15.99 -24.23
CA PRO A 100 -0.09 17.26 -24.00
C PRO A 100 -0.18 17.47 -22.48
N ALA A 101 -0.17 18.73 -22.04
CA ALA A 101 -0.22 19.01 -20.62
C ALA A 101 -1.47 18.45 -19.91
N ASP A 102 -2.57 18.33 -20.63
CA ASP A 102 -3.79 17.86 -19.99
C ASP A 102 -3.76 16.37 -19.61
N VAL A 103 -2.81 15.61 -20.15
CA VAL A 103 -2.72 14.20 -19.79
C VAL A 103 -2.31 14.14 -18.31
N TYR A 104 -1.27 14.86 -17.93
CA TYR A 104 -0.84 14.88 -16.54
C TYR A 104 -1.90 15.53 -15.64
N GLN A 105 -2.47 16.64 -16.12
CA GLN A 105 -3.50 17.33 -15.34
C GLN A 105 -4.67 16.43 -15.00
N LYS A 106 -5.15 15.68 -16.00
CA LYS A 106 -6.28 14.78 -15.78
C LYS A 106 -5.90 13.56 -14.93
N ALA A 107 -4.63 13.17 -15.00
CA ALA A 107 -4.15 12.04 -14.21
C ALA A 107 -4.20 12.42 -12.73
N GLN A 108 -3.89 13.68 -12.45
CA GLN A 108 -3.90 14.17 -11.07
C GLN A 108 -5.32 14.17 -10.52
N ILE A 109 -6.26 14.64 -11.35
CA ILE A 109 -7.67 14.70 -10.98
C ILE A 109 -8.27 13.32 -10.74
N THR A 110 -7.89 12.35 -11.57
CA THR A 110 -8.40 10.98 -11.44
C THR A 110 -7.58 10.15 -10.47
N LYS A 111 -6.50 10.74 -9.94
CA LYS A 111 -5.62 10.04 -9.01
C LYS A 111 -4.99 8.82 -9.65
N THR A 112 -4.59 8.94 -10.92
CA THR A 112 -3.97 7.84 -11.62
C THR A 112 -2.60 8.18 -12.16
N VAL A 113 -1.93 9.16 -11.54
CA VAL A 113 -0.61 9.54 -12.00
C VAL A 113 0.35 8.36 -12.09
N TYR A 114 0.37 7.51 -11.06
CA TYR A 114 1.27 6.35 -11.06
C TYR A 114 0.94 5.28 -12.09
N HIS A 115 -0.15 5.48 -12.83
CA HIS A 115 -0.54 4.54 -13.88
C HIS A 115 0.47 4.74 -15.02
N HIS A 116 1.12 5.90 -15.01
CA HIS A 116 2.11 6.24 -16.03
C HIS A 116 3.53 5.93 -15.59
N GLY A 117 3.68 5.40 -14.38
CA GLY A 117 5.01 5.09 -13.89
C GLY A 117 5.38 3.62 -13.83
N LYS A 118 6.63 3.36 -13.47
CA LYS A 118 7.16 2.01 -13.36
C LYS A 118 6.79 1.43 -12.00
N GLY A 119 7.09 0.16 -11.80
CA GLY A 119 6.84 -0.48 -10.52
C GLY A 119 5.63 -1.36 -10.30
N ALA A 120 4.70 -1.42 -11.25
CA ALA A 120 3.53 -2.25 -11.08
C ALA A 120 3.57 -3.48 -11.99
N CYS A 121 2.96 -4.57 -11.53
CA CYS A 121 2.93 -5.78 -12.34
C CYS A 121 1.52 -5.86 -12.91
N PRO A 122 1.32 -6.59 -14.01
CA PRO A 122 -0.04 -6.66 -14.55
C PRO A 122 -0.96 -7.63 -13.82
N GLN A 123 -2.25 -7.48 -14.08
CA GLN A 123 -3.26 -8.37 -13.52
C GLN A 123 -2.90 -9.79 -13.96
N GLY A 124 -3.17 -10.76 -13.09
CA GLY A 124 -2.92 -12.16 -13.38
C GLY A 124 -1.53 -12.58 -13.82
N SER A 125 -0.51 -11.79 -13.50
CA SER A 125 0.84 -12.15 -13.91
C SER A 125 1.52 -13.03 -12.88
N SER A 126 2.69 -13.56 -13.24
CA SER A 126 3.48 -14.38 -12.34
C SER A 126 4.74 -13.58 -12.06
N ARG A 127 5.03 -13.36 -10.79
CA ARG A 127 6.19 -12.56 -10.42
C ARG A 127 6.95 -13.12 -9.22
N ASP A 128 8.24 -12.84 -9.17
CA ASP A 128 9.09 -13.24 -8.07
C ASP A 128 9.54 -11.96 -7.38
N TYR A 129 9.49 -11.97 -6.07
CA TYR A 129 9.91 -10.80 -5.30
C TYR A 129 10.86 -11.28 -4.23
N GLU A 130 11.69 -10.37 -3.73
CA GLU A 130 12.65 -10.70 -2.70
C GLU A 130 12.97 -9.41 -1.96
N PHE A 131 13.07 -9.49 -0.63
CA PHE A 131 13.40 -8.34 0.19
C PHE A 131 13.90 -8.85 1.53
N SER A 132 14.61 -8.01 2.27
CA SER A 132 15.16 -8.42 3.55
C SER A 132 14.75 -7.47 4.66
N VAL A 133 14.62 -8.02 5.86
CA VAL A 133 14.21 -7.24 7.02
C VAL A 133 15.09 -7.61 8.21
N TYR A 134 15.36 -6.63 9.07
CA TYR A 134 16.19 -6.81 10.25
C TYR A 134 15.34 -6.34 11.44
N ILE A 135 14.95 -7.29 12.29
CA ILE A 135 14.13 -6.99 13.46
C ILE A 135 14.96 -6.99 14.72
N PRO A 136 15.26 -5.80 15.27
CA PRO A 136 16.07 -5.76 16.49
C PRO A 136 15.35 -6.35 17.71
N SER A 137 16.13 -6.85 18.66
CA SER A 137 15.60 -7.42 19.89
C SER A 137 14.85 -6.39 20.72
N SER A 138 14.96 -5.12 20.35
CA SER A 138 14.29 -4.05 21.07
C SER A 138 12.83 -3.87 20.67
N LEU A 139 12.42 -4.45 19.53
CA LEU A 139 11.04 -4.32 19.08
C LEU A 139 10.05 -5.02 20.01
N ASP A 140 9.04 -4.29 20.46
CA ASP A 140 8.02 -4.82 21.37
C ASP A 140 7.24 -5.94 20.67
N SER A 141 7.02 -7.04 21.38
CA SER A 141 6.33 -8.20 20.82
C SER A 141 4.87 -7.95 20.47
N ASN A 142 4.28 -6.91 21.04
CA ASN A 142 2.89 -6.63 20.76
C ASN A 142 2.65 -5.49 19.77
N VAL A 143 3.63 -5.21 18.91
CA VAL A 143 3.45 -4.16 17.91
C VAL A 143 2.41 -4.66 16.91
N SER A 144 1.78 -3.71 16.22
CA SER A 144 0.75 -4.02 15.22
C SER A 144 1.19 -3.26 13.98
N THR A 145 1.98 -3.92 13.14
CA THR A 145 2.52 -3.25 11.97
C THR A 145 2.75 -4.19 10.77
N ILE A 146 2.56 -3.63 9.59
CA ILE A 146 2.78 -4.34 8.33
C ILE A 146 4.12 -3.80 7.84
N PHE A 147 5.09 -4.69 7.60
CA PHE A 147 6.40 -4.24 7.15
C PHE A 147 6.68 -4.44 5.66
N ALA A 148 5.77 -5.11 4.97
CA ALA A 148 5.89 -5.33 3.52
C ALA A 148 4.50 -5.65 3.03
N GLN A 149 4.11 -5.05 1.92
CA GLN A 149 2.79 -5.28 1.35
C GLN A 149 2.76 -5.08 -0.15
N TRP A 150 1.85 -5.79 -0.81
CA TRP A 150 1.65 -5.66 -2.24
C TRP A 150 0.28 -5.01 -2.29
N HIS A 151 0.26 -3.77 -2.76
CA HIS A 151 -0.93 -2.95 -2.79
C HIS A 151 -1.66 -2.95 -4.13
N GLY A 152 -2.98 -2.85 -4.07
CA GLY A 152 -3.76 -2.83 -5.30
C GLY A 152 -3.77 -1.44 -5.95
N MET A 153 -4.31 -1.38 -7.16
CA MET A 153 -4.43 -0.15 -7.93
C MET A 153 -5.89 -0.11 -8.42
N PRO A 154 -6.79 0.42 -7.58
CA PRO A 154 -8.22 0.50 -7.89
C PRO A 154 -8.57 1.19 -9.21
N ASP A 155 -9.74 0.84 -9.74
CA ASP A 155 -10.24 1.43 -10.97
C ASP A 155 -10.77 2.80 -10.57
N ARG A 156 -9.92 3.82 -10.73
CA ARG A 156 -10.26 5.20 -10.35
C ARG A 156 -11.41 5.86 -11.08
N THR A 157 -11.79 5.32 -12.23
CA THR A 157 -12.90 5.91 -12.97
C THR A 157 -14.13 5.01 -12.98
N LEU A 158 -14.10 3.94 -12.19
CA LEU A 158 -15.22 3.02 -12.08
C LEU A 158 -16.15 3.55 -11.00
N VAL A 159 -17.38 3.87 -11.35
CA VAL A 159 -18.30 4.44 -10.38
C VAL A 159 -19.66 3.74 -10.29
N GLN A 160 -20.44 4.16 -9.31
CA GLN A 160 -21.79 3.66 -9.11
C GLN A 160 -22.69 4.88 -9.12
N THR A 161 -23.64 4.90 -10.04
CA THR A 161 -24.56 6.02 -10.16
C THR A 161 -25.51 6.05 -8.96
N PRO A 162 -26.16 7.20 -8.72
CA PRO A 162 -27.07 7.29 -7.59
C PRO A 162 -28.20 6.25 -7.64
N GLN A 163 -28.44 5.67 -8.81
CA GLN A 163 -29.50 4.67 -8.96
C GLN A 163 -29.00 3.25 -8.73
N GLY A 164 -27.70 3.10 -8.46
CA GLY A 164 -27.15 1.79 -8.21
C GLY A 164 -26.33 1.14 -9.31
N GLU A 165 -26.42 1.68 -10.53
CA GLU A 165 -25.66 1.14 -11.65
C GLU A 165 -24.15 1.39 -11.55
N VAL A 166 -23.37 0.38 -11.92
CA VAL A 166 -21.91 0.49 -11.89
C VAL A 166 -21.44 0.75 -13.31
N LYS A 167 -20.68 1.82 -13.50
CA LYS A 167 -20.19 2.19 -14.82
C LYS A 167 -18.71 2.59 -14.84
N LYS A 168 -17.98 2.09 -15.83
CA LYS A 168 -16.57 2.44 -15.98
C LYS A 168 -16.51 3.65 -16.91
N LEU A 169 -16.27 4.82 -16.34
CA LEU A 169 -16.19 6.04 -17.12
C LEU A 169 -14.80 6.20 -17.74
N THR A 170 -14.70 7.02 -18.78
CA THR A 170 -13.41 7.29 -19.40
C THR A 170 -12.79 8.34 -18.50
N VAL A 171 -11.52 8.68 -18.74
CA VAL A 171 -10.88 9.70 -17.94
C VAL A 171 -11.64 11.01 -18.08
N ASP A 172 -11.97 11.39 -19.32
CA ASP A 172 -12.70 12.63 -19.55
C ASP A 172 -14.06 12.67 -18.86
N GLU A 173 -14.80 11.56 -18.90
CA GLU A 173 -16.11 11.54 -18.25
C GLU A 173 -15.99 11.66 -16.73
N PHE A 174 -14.95 11.08 -16.15
CA PHE A 174 -14.79 11.17 -14.70
C PHE A 174 -14.43 12.61 -14.35
N VAL A 175 -13.60 13.23 -15.18
CA VAL A 175 -13.20 14.62 -14.98
C VAL A 175 -14.46 15.49 -14.95
N GLU A 176 -15.39 15.24 -15.88
CA GLU A 176 -16.63 16.01 -15.93
C GLU A 176 -17.44 15.79 -14.67
N LEU A 177 -17.53 14.54 -14.22
CA LEU A 177 -18.26 14.22 -13.00
C LEU A 177 -17.67 14.95 -11.80
N GLU A 178 -16.35 15.01 -11.74
CA GLU A 178 -15.65 15.67 -10.64
C GLU A 178 -15.99 17.16 -10.56
N LYS A 179 -16.50 17.73 -11.66
CA LYS A 179 -16.87 19.14 -11.66
C LYS A 179 -18.02 19.40 -10.69
N THR A 180 -18.89 18.41 -10.52
CA THR A 180 -20.04 18.56 -9.62
C THR A 180 -20.01 17.64 -8.41
N THR A 181 -19.06 16.71 -8.36
CA THR A 181 -18.99 15.78 -7.24
C THR A 181 -17.67 15.84 -6.48
N PHE A 182 -17.76 16.03 -5.17
CA PHE A 182 -16.58 16.08 -4.32
C PHE A 182 -16.46 14.68 -3.71
N PHE A 183 -15.43 13.94 -4.10
CA PHE A 183 -15.23 12.61 -3.57
C PHE A 183 -14.36 12.58 -2.32
N LYS A 184 -14.93 12.07 -1.23
CA LYS A 184 -14.20 11.91 0.02
C LYS A 184 -13.92 10.42 0.01
N LYS A 185 -12.70 10.06 -0.36
CA LYS A 185 -12.30 8.66 -0.49
C LYS A 185 -13.20 8.03 -1.55
N ASN A 186 -14.13 7.16 -1.14
CA ASN A 186 -15.00 6.50 -2.12
C ASN A 186 -16.40 7.11 -2.26
N ALA A 187 -16.78 7.94 -1.29
CA ALA A 187 -18.12 8.54 -1.30
C ALA A 187 -18.19 9.92 -1.97
N GLY A 188 -19.17 10.08 -2.84
CA GLY A 188 -19.34 11.36 -3.52
C GLY A 188 -20.26 12.30 -2.76
N HIS A 189 -19.91 13.58 -2.74
CA HIS A 189 -20.70 14.60 -2.06
C HIS A 189 -20.93 15.78 -3.00
N GLU A 190 -21.92 16.60 -2.69
CA GLU A 190 -22.19 17.79 -3.49
C GLU A 190 -20.99 18.70 -3.27
N LYS A 191 -20.54 19.37 -4.35
CA LYS A 191 -19.40 20.29 -4.24
C LYS A 191 -19.91 21.65 -3.80
N VAL A 192 -19.48 22.11 -2.63
CA VAL A 192 -19.92 23.39 -2.11
C VAL A 192 -18.80 24.44 -2.08
N VAL A 193 -19.14 25.66 -2.51
CA VAL A 193 -18.18 26.76 -2.54
C VAL A 193 -17.99 27.33 -1.14
N ARG A 194 -16.75 27.20 -0.64
CA ARG A 194 -16.40 27.70 0.69
C ARG A 194 -16.56 29.21 0.78
N LEU A 195 -17.09 29.68 1.91
CA LEU A 195 -17.29 31.11 2.14
C LEU A 195 -16.66 31.51 3.48
N ASP A 196 -16.10 32.71 3.54
CA ASP A 196 -15.46 33.18 4.77
C ASP A 196 -16.48 33.80 5.73
N LYS A 197 -15.99 34.34 6.84
CA LYS A 197 -16.86 34.96 7.85
C LYS A 197 -17.70 36.09 7.28
N GLN A 198 -17.14 36.80 6.31
CA GLN A 198 -17.84 37.91 5.68
C GLN A 198 -18.87 37.44 4.67
N GLY A 199 -18.84 36.15 4.34
CA GLY A 199 -19.79 35.61 3.39
C GLY A 199 -19.28 35.67 1.96
N ASN A 200 -18.04 36.12 1.79
CA ASN A 200 -17.42 36.22 0.48
C ASN A 200 -16.79 34.88 0.13
N PRO A 201 -16.92 34.46 -1.14
CA PRO A 201 -16.33 33.17 -1.54
C PRO A 201 -14.81 33.13 -1.43
N MET A 202 -14.28 32.05 -0.87
CA MET A 202 -12.83 31.90 -0.72
C MET A 202 -12.20 31.65 -2.09
N LYS A 203 -10.88 31.70 -2.15
CA LYS A 203 -10.15 31.49 -3.39
C LYS A 203 -8.82 30.79 -3.13
N ASP A 204 -8.53 29.74 -3.90
CA ASP A 204 -7.26 29.04 -3.73
C ASP A 204 -6.13 29.89 -4.30
N LYS A 205 -4.97 29.28 -4.51
CA LYS A 205 -3.82 30.02 -5.04
C LYS A 205 -4.06 30.54 -6.46
N ASN A 206 -4.82 29.80 -7.25
CA ASN A 206 -5.10 30.16 -8.63
C ASN A 206 -6.34 31.04 -8.81
N GLY A 207 -6.94 31.47 -7.72
CA GLY A 207 -8.12 32.31 -7.82
C GLY A 207 -9.39 31.51 -8.01
N LYS A 208 -9.26 30.19 -8.02
CA LYS A 208 -10.40 29.30 -8.17
C LYS A 208 -11.10 29.15 -6.82
N PRO A 209 -12.40 28.79 -6.83
CA PRO A 209 -13.11 28.63 -5.57
C PRO A 209 -12.54 27.49 -4.73
N VAL A 210 -12.71 27.59 -3.41
CA VAL A 210 -12.26 26.54 -2.52
C VAL A 210 -13.51 25.72 -2.26
N TYR A 211 -13.47 24.44 -2.61
CA TYR A 211 -14.62 23.56 -2.44
C TYR A 211 -14.56 22.76 -1.14
N LYS A 212 -15.72 22.32 -0.68
CA LYS A 212 -15.84 21.51 0.52
C LYS A 212 -16.95 20.51 0.26
N ALA A 213 -16.97 19.42 1.02
CA ALA A 213 -17.98 18.40 0.84
C ALA A 213 -19.33 18.76 1.43
N GLY A 214 -20.37 18.65 0.61
CA GLY A 214 -21.72 18.93 1.07
C GLY A 214 -22.28 17.60 1.50
N LYS A 215 -23.56 17.37 1.26
CA LYS A 215 -24.18 16.10 1.63
C LYS A 215 -23.83 15.03 0.58
N LEU A 216 -24.06 13.77 0.93
CA LEU A 216 -23.79 12.68 -0.01
C LEU A 216 -24.71 12.88 -1.21
N ASN A 217 -24.20 12.67 -2.41
CA ASN A 217 -25.04 12.84 -3.59
C ASN A 217 -25.35 11.52 -4.31
N GLY A 218 -25.06 10.41 -3.65
CA GLY A 218 -25.34 9.11 -4.25
C GLY A 218 -24.25 8.52 -5.14
N TRP A 219 -23.23 9.31 -5.48
CA TRP A 219 -22.16 8.77 -6.31
C TRP A 219 -21.09 8.09 -5.48
N LEU A 220 -20.51 7.03 -6.04
CA LEU A 220 -19.42 6.31 -5.38
C LEU A 220 -18.35 6.04 -6.43
N VAL A 221 -17.10 5.96 -5.97
CA VAL A 221 -15.98 5.67 -6.85
C VAL A 221 -15.15 4.62 -6.14
N GLU A 222 -14.50 3.74 -6.89
CA GLU A 222 -13.71 2.73 -6.24
C GLU A 222 -12.46 3.33 -5.60
N GLN A 223 -12.21 2.96 -4.35
CA GLN A 223 -11.08 3.49 -3.61
C GLN A 223 -10.82 2.56 -2.43
N GLY A 224 -9.58 2.54 -1.96
CA GLY A 224 -9.24 1.70 -0.82
C GLY A 224 -9.25 0.19 -1.04
N GLY A 225 -9.40 -0.53 0.06
CA GLY A 225 -9.41 -1.98 -0.01
C GLY A 225 -8.20 -2.54 0.71
N TYR A 226 -8.33 -3.76 1.24
CA TYR A 226 -7.23 -4.41 1.94
C TYR A 226 -6.10 -4.71 0.96
N PRO A 227 -4.87 -4.84 1.47
CA PRO A 227 -3.77 -5.15 0.53
C PRO A 227 -3.84 -6.64 0.16
N PRO A 228 -3.71 -6.97 -1.13
CA PRO A 228 -3.75 -8.37 -1.56
C PRO A 228 -2.77 -9.28 -0.81
N LEU A 229 -1.64 -8.71 -0.37
CA LEU A 229 -0.67 -9.49 0.39
C LEU A 229 0.02 -8.60 1.42
N ALA A 230 0.13 -9.09 2.65
CA ALA A 230 0.78 -8.32 3.70
C ALA A 230 1.60 -9.21 4.64
N PHE A 231 2.78 -8.71 5.01
CA PHE A 231 3.69 -9.37 5.95
C PHE A 231 3.71 -8.45 7.16
N GLY A 232 3.41 -8.96 8.35
CA GLY A 232 3.43 -8.09 9.50
C GLY A 232 3.44 -8.76 10.86
N PHE A 233 3.27 -7.95 11.89
CA PHE A 233 3.22 -8.42 13.26
C PHE A 233 1.92 -7.90 13.85
N SER A 234 1.24 -8.77 14.58
CA SER A 234 -0.02 -8.42 15.22
C SER A 234 -0.39 -9.47 16.26
N GLY A 235 -0.81 -9.00 17.43
CA GLY A 235 -1.20 -9.90 18.50
C GLY A 235 -0.12 -10.86 18.96
N GLY A 236 1.14 -10.46 18.85
CA GLY A 236 2.23 -11.31 19.29
C GLY A 236 2.62 -12.38 18.27
N LEU A 237 2.20 -12.19 17.04
CA LEU A 237 2.48 -13.14 15.96
C LEU A 237 3.03 -12.47 14.71
N PHE A 238 3.90 -13.17 14.00
CA PHE A 238 4.38 -12.70 12.71
C PHE A 238 3.38 -13.43 11.82
N TYR A 239 2.90 -12.77 10.77
CA TYR A 239 1.95 -13.43 9.89
C TYR A 239 2.10 -12.96 8.45
N ILE A 240 1.50 -13.72 7.54
CA ILE A 240 1.49 -13.39 6.13
C ILE A 240 0.01 -13.59 5.80
N LYS A 241 -0.62 -12.53 5.32
CA LYS A 241 -2.04 -12.56 5.00
C LYS A 241 -2.29 -12.19 3.55
N ALA A 242 -3.07 -13.01 2.86
CA ALA A 242 -3.43 -12.76 1.46
C ALA A 242 -4.91 -12.38 1.41
N ASN A 243 -5.26 -11.43 0.55
CA ASN A 243 -6.65 -11.02 0.39
C ASN A 243 -7.04 -11.09 -1.07
N SER A 244 -8.31 -11.39 -1.31
CA SER A 244 -8.87 -11.47 -2.66
C SER A 244 -10.22 -10.76 -2.70
N ASP A 245 -10.43 -9.95 -3.74
CA ASP A 245 -11.68 -9.20 -3.89
C ASP A 245 -12.11 -9.35 -5.34
N ARG A 246 -13.09 -10.21 -5.59
CA ARG A 246 -13.53 -10.42 -6.96
C ARG A 246 -14.65 -9.50 -7.40
N LYS A 247 -15.13 -8.63 -6.49
CA LYS A 247 -16.20 -7.72 -6.90
C LYS A 247 -15.61 -6.73 -7.88
N TRP A 248 -16.37 -6.38 -8.91
CA TRP A 248 -15.91 -5.45 -9.94
C TRP A 248 -15.67 -4.08 -9.29
N LEU A 249 -16.64 -3.59 -8.51
CA LEU A 249 -16.51 -2.31 -7.81
C LEU A 249 -16.42 -2.68 -6.32
N THR A 250 -15.22 -2.64 -5.77
CA THR A 250 -14.99 -3.00 -4.38
C THR A 250 -15.98 -2.37 -3.41
N ASP A 251 -16.44 -3.18 -2.46
CA ASP A 251 -17.38 -2.73 -1.44
C ASP A 251 -16.59 -2.58 -0.13
N LYS A 252 -16.29 -1.35 0.25
CA LYS A 252 -15.53 -1.08 1.46
C LYS A 252 -16.23 -1.51 2.74
N ASP A 253 -17.54 -1.68 2.67
CA ASP A 253 -18.31 -2.09 3.85
C ASP A 253 -18.22 -3.60 4.12
N ASP A 254 -17.67 -4.35 3.17
CA ASP A 254 -17.49 -5.79 3.33
C ASP A 254 -16.16 -5.91 4.06
N ARG A 255 -16.23 -6.12 5.38
CA ARG A 255 -15.03 -6.21 6.20
C ARG A 255 -14.44 -7.62 6.39
N CYS A 256 -14.46 -8.42 5.33
CA CYS A 256 -13.90 -9.77 5.39
C CYS A 256 -12.38 -9.64 5.52
N ASN A 257 -11.88 -9.82 6.74
CA ASN A 257 -10.46 -9.69 7.02
C ASN A 257 -10.08 -10.70 8.10
N ALA A 258 -9.20 -11.64 7.78
CA ALA A 258 -8.80 -12.66 8.73
C ALA A 258 -7.95 -12.14 9.89
N ASN A 259 -8.25 -12.66 11.08
CA ASN A 259 -7.51 -12.29 12.29
C ASN A 259 -6.37 -13.30 12.39
N PRO A 260 -5.12 -12.84 12.36
CA PRO A 260 -3.98 -13.74 12.43
C PRO A 260 -4.04 -14.77 13.56
N GLY A 261 -4.45 -14.34 14.74
CA GLY A 261 -4.50 -15.25 15.87
C GLY A 261 -5.69 -16.19 15.91
N LYS A 262 -6.82 -15.79 15.36
CA LYS A 262 -8.02 -16.62 15.40
C LYS A 262 -8.34 -17.43 14.15
N THR A 263 -7.65 -17.15 13.05
CA THR A 263 -7.92 -17.85 11.81
C THR A 263 -6.89 -18.94 11.55
N PRO A 264 -7.34 -20.19 11.33
CA PRO A 264 -6.39 -21.26 11.07
C PRO A 264 -5.66 -21.03 9.75
N VAL A 265 -4.41 -21.46 9.70
CA VAL A 265 -3.60 -21.29 8.50
C VAL A 265 -4.20 -21.93 7.26
N MET A 266 -4.10 -21.20 6.14
CA MET A 266 -4.59 -21.64 4.84
C MET A 266 -6.07 -22.03 4.74
N LYS A 267 -6.88 -21.48 5.63
CA LYS A 267 -8.33 -21.71 5.62
C LYS A 267 -8.92 -20.33 5.41
N PRO A 268 -9.25 -19.97 4.17
CA PRO A 268 -9.80 -18.63 3.92
C PRO A 268 -11.11 -18.29 4.61
N LEU A 269 -11.18 -17.05 5.10
CA LEU A 269 -12.37 -16.50 5.72
C LEU A 269 -13.04 -15.89 4.50
N THR A 270 -14.31 -16.17 4.28
CA THR A 270 -14.95 -15.66 3.07
C THR A 270 -16.30 -14.97 3.22
N SER A 271 -16.58 -14.10 2.26
CA SER A 271 -17.85 -13.38 2.16
C SER A 271 -18.25 -13.74 0.73
N GLU A 272 -19.25 -13.04 0.19
CA GLU A 272 -19.67 -13.32 -1.17
C GLU A 272 -18.51 -13.06 -2.15
N TYR A 273 -17.93 -11.87 -2.07
CA TYR A 273 -16.86 -11.46 -2.97
C TYR A 273 -15.42 -11.48 -2.44
N LYS A 274 -15.24 -11.53 -1.12
CA LYS A 274 -13.90 -11.52 -0.56
C LYS A 274 -13.45 -12.81 0.09
N ALA A 275 -12.13 -12.98 0.18
CA ALA A 275 -11.52 -14.14 0.80
C ALA A 275 -10.23 -13.62 1.44
N SER A 276 -10.07 -13.89 2.73
CA SER A 276 -8.88 -13.43 3.44
C SER A 276 -8.22 -14.66 4.06
N THR A 277 -6.98 -14.90 3.68
CA THR A 277 -6.26 -16.06 4.14
C THR A 277 -4.97 -15.79 4.91
N ILE A 278 -4.82 -16.44 6.06
CA ILE A 278 -3.59 -16.33 6.82
C ILE A 278 -2.76 -17.46 6.24
N ALA A 279 -1.79 -17.11 5.40
CA ALA A 279 -0.95 -18.11 4.74
C ALA A 279 0.08 -18.73 5.69
N TYR A 280 0.48 -17.98 6.73
CA TYR A 280 1.47 -18.46 7.67
C TYR A 280 1.46 -17.60 8.94
N LYS A 281 1.77 -18.19 10.07
CA LYS A 281 1.83 -17.46 11.33
C LYS A 281 2.91 -18.10 12.18
N LEU A 282 3.54 -17.29 13.02
CA LEU A 282 4.63 -17.75 13.87
C LEU A 282 4.69 -16.86 15.11
N PRO A 283 4.86 -17.46 16.30
CA PRO A 283 4.93 -16.59 17.47
C PRO A 283 6.07 -15.57 17.30
N PHE A 284 5.81 -14.32 17.65
CA PHE A 284 6.80 -13.25 17.52
C PHE A 284 8.16 -13.63 18.13
N ALA A 285 8.12 -14.31 19.27
CA ALA A 285 9.34 -14.72 19.96
C ALA A 285 10.22 -15.64 19.13
N ASP A 286 9.61 -16.39 18.22
CA ASP A 286 10.37 -17.30 17.38
C ASP A 286 10.90 -16.66 16.09
N PHE A 287 10.53 -15.40 15.85
CA PHE A 287 11.00 -14.71 14.66
C PHE A 287 12.46 -14.33 14.94
N PRO A 288 13.41 -14.77 14.09
CA PRO A 288 14.83 -14.45 14.30
C PRO A 288 15.06 -12.95 14.53
N LYS A 289 15.85 -12.62 15.55
CA LYS A 289 16.15 -11.23 15.87
C LYS A 289 17.60 -10.84 15.58
N ASP A 290 17.83 -9.53 15.48
CA ASP A 290 19.15 -8.96 15.22
C ASP A 290 19.92 -9.60 14.08
N CYS A 291 19.24 -9.90 12.98
CA CYS A 291 19.91 -10.48 11.82
C CYS A 291 19.06 -10.25 10.57
N TRP A 292 19.70 -10.27 9.41
CA TRP A 292 18.96 -10.06 8.19
C TRP A 292 18.23 -11.32 7.75
N ILE A 293 16.93 -11.17 7.53
CA ILE A 293 16.10 -12.27 7.09
C ILE A 293 15.68 -11.96 5.66
N THR A 294 15.93 -12.89 4.75
CA THR A 294 15.56 -12.68 3.35
C THR A 294 14.34 -13.51 2.96
N PHE A 295 13.31 -12.83 2.46
CA PHE A 295 12.11 -13.49 2.02
C PHE A 295 12.09 -13.58 0.49
N ARG A 296 11.83 -14.78 -0.03
CA ARG A 296 11.73 -15.00 -1.46
C ARG A 296 10.27 -15.35 -1.67
N VAL A 297 9.58 -14.48 -2.40
CA VAL A 297 8.16 -14.65 -2.64
C VAL A 297 7.78 -14.80 -4.09
N HIS A 298 7.04 -15.86 -4.39
CA HIS A 298 6.57 -16.07 -5.75
C HIS A 298 5.05 -15.92 -5.70
N ILE A 299 4.52 -15.16 -6.64
CA ILE A 299 3.08 -14.95 -6.68
C ILE A 299 2.53 -15.11 -8.09
N ASP A 300 1.50 -15.92 -8.20
CA ASP A 300 0.78 -16.08 -9.45
C ASP A 300 -0.52 -15.40 -9.06
N TRP A 301 -0.73 -14.18 -9.57
CA TRP A 301 -1.92 -13.44 -9.21
C TRP A 301 -3.21 -14.03 -9.77
N THR A 302 -4.24 -14.08 -8.92
CA THR A 302 -5.53 -14.60 -9.32
C THR A 302 -6.04 -13.86 -10.54
N VAL A 303 -6.67 -14.58 -11.46
CA VAL A 303 -7.23 -13.98 -12.66
C VAL A 303 -8.72 -13.80 -12.41
N TYR A 304 -9.22 -12.58 -12.55
CA TYR A 304 -10.64 -12.30 -12.32
C TYR A 304 -11.39 -12.04 -13.63
N GLY A 305 -12.71 -12.13 -13.59
CA GLY A 305 -13.51 -11.93 -14.79
C GLY A 305 -14.10 -10.56 -15.04
N LYS A 306 -13.48 -9.52 -14.50
CA LYS A 306 -13.96 -8.15 -14.71
C LYS A 306 -15.44 -8.00 -14.34
N GLU A 307 -16.24 -7.50 -15.27
CA GLU A 307 -17.67 -7.31 -15.02
C GLU A 307 -18.39 -8.59 -14.62
N ALA A 308 -17.88 -9.72 -15.07
CA ALA A 308 -18.49 -11.01 -14.74
C ALA A 308 -18.28 -11.32 -13.27
N GLU A 309 -17.26 -10.72 -12.67
CA GLU A 309 -16.93 -10.89 -11.26
C GLU A 309 -16.66 -12.33 -10.85
N THR A 310 -16.09 -13.09 -11.77
CA THR A 310 -15.78 -14.49 -11.51
C THR A 310 -14.30 -14.71 -11.21
N ILE A 311 -13.99 -15.88 -10.68
CA ILE A 311 -12.62 -16.25 -10.43
C ILE A 311 -12.29 -17.07 -11.69
N VAL A 312 -11.54 -16.49 -12.62
CA VAL A 312 -11.20 -17.22 -13.84
C VAL A 312 -10.15 -18.28 -13.53
N LYS A 313 -9.20 -17.92 -12.69
CA LYS A 313 -8.13 -18.84 -12.32
C LYS A 313 -7.57 -18.44 -10.95
N PRO A 314 -7.55 -19.40 -10.01
CA PRO A 314 -7.02 -19.07 -8.69
C PRO A 314 -5.54 -18.69 -8.78
N GLY A 315 -5.01 -18.11 -7.72
CA GLY A 315 -3.62 -17.73 -7.72
C GLY A 315 -2.81 -18.75 -6.94
N MET A 316 -1.56 -18.41 -6.69
CA MET A 316 -0.68 -19.28 -5.92
C MET A 316 0.35 -18.43 -5.21
N LEU A 317 0.72 -18.87 -4.02
CA LEU A 317 1.70 -18.15 -3.22
C LEU A 317 2.76 -19.11 -2.69
N ASP A 318 4.01 -18.73 -2.88
CA ASP A 318 5.13 -19.52 -2.39
C ASP A 318 6.06 -18.58 -1.66
N VAL A 319 6.46 -18.95 -0.44
CA VAL A 319 7.36 -18.10 0.34
C VAL A 319 8.46 -18.87 1.04
N ARG A 320 9.69 -18.40 0.89
CA ARG A 320 10.84 -18.99 1.54
C ARG A 320 11.45 -17.91 2.44
N MET A 321 11.91 -18.33 3.61
CA MET A 321 12.50 -17.44 4.61
C MET A 321 13.92 -17.91 4.92
N ASP A 322 14.90 -17.09 4.53
CA ASP A 322 16.31 -17.42 4.74
C ASP A 322 17.03 -16.51 5.73
N TYR A 323 17.89 -17.11 6.54
CA TYR A 323 18.67 -16.37 7.53
C TYR A 323 19.78 -17.24 8.09
N GLN A 324 20.73 -16.59 8.78
CA GLN A 324 21.85 -17.29 9.41
C GLN A 324 21.51 -17.60 10.86
N GLU A 325 21.75 -18.84 11.26
CA GLU A 325 21.49 -19.26 12.63
C GLU A 325 22.68 -20.01 13.23
N GLN A 326 23.23 -19.47 14.31
CA GLN A 326 24.38 -20.07 14.98
C GLN A 326 25.58 -20.17 14.05
N GLY A 327 25.54 -19.42 12.95
CA GLY A 327 26.64 -19.44 12.01
C GLY A 327 26.41 -20.27 10.77
N LYS A 328 25.19 -20.79 10.60
CA LYS A 328 24.88 -21.61 9.43
C LYS A 328 23.62 -21.16 8.69
N LYS A 329 23.66 -21.29 7.36
CA LYS A 329 22.56 -20.90 6.49
C LYS A 329 21.30 -21.72 6.78
N VAL A 330 20.16 -21.03 6.88
CA VAL A 330 18.88 -21.67 7.14
C VAL A 330 17.84 -21.14 6.16
N SER A 331 17.06 -22.05 5.59
CA SER A 331 16.02 -21.68 4.65
C SER A 331 14.74 -22.45 4.96
N LYS A 332 13.70 -21.74 5.35
CA LYS A 332 12.43 -22.40 5.67
C LYS A 332 11.40 -22.11 4.60
N HIS A 333 10.74 -23.16 4.14
CA HIS A 333 9.71 -23.05 3.12
C HIS A 333 8.39 -22.83 3.87
N ILE A 334 8.21 -21.63 4.41
CA ILE A 334 7.02 -21.33 5.21
C ILE A 334 5.66 -21.31 4.51
N VAL A 335 5.66 -21.07 3.21
CA VAL A 335 4.42 -21.11 2.43
C VAL A 335 4.84 -21.92 1.21
N ASN A 336 4.39 -23.17 1.18
CA ASN A 336 4.77 -24.09 0.13
C ASN A 336 3.77 -24.19 -1.02
N ASN A 337 4.09 -23.51 -2.12
CA ASN A 337 3.25 -23.52 -3.32
C ASN A 337 1.77 -23.70 -3.05
N GLU A 338 1.19 -22.75 -2.30
CA GLU A 338 -0.22 -22.84 -1.94
C GLU A 338 -1.16 -22.17 -2.93
N LYS A 339 -2.11 -22.96 -3.44
CA LYS A 339 -3.13 -22.45 -4.35
C LYS A 339 -3.89 -21.51 -3.43
N ILE A 340 -4.23 -20.31 -3.91
CA ILE A 340 -4.90 -19.36 -3.02
C ILE A 340 -5.54 -18.24 -3.83
N LEU A 341 -6.51 -17.55 -3.24
CA LEU A 341 -7.12 -16.43 -3.93
C LEU A 341 -6.34 -15.21 -3.45
N ILE A 342 -5.78 -14.46 -4.39
CA ILE A 342 -4.97 -13.31 -4.04
C ILE A 342 -5.00 -12.25 -5.13
N GLY A 343 -5.48 -11.07 -4.78
CA GLY A 343 -5.56 -9.98 -5.74
C GLY A 343 -6.85 -9.19 -5.66
N ARG A 344 -7.12 -8.42 -6.71
CA ARG A 344 -8.33 -7.60 -6.79
C ARG A 344 -8.79 -7.61 -8.23
N ASN A 345 -10.10 -7.58 -8.42
CA ASN A 345 -10.69 -7.57 -9.75
C ASN A 345 -10.59 -6.13 -10.28
N ASP A 346 -9.38 -5.72 -10.66
CA ASP A 346 -9.13 -4.37 -11.19
C ASP A 346 -8.57 -4.47 -12.60
N GLU A 347 -8.43 -3.31 -13.26
CA GLU A 347 -7.86 -3.25 -14.59
C GLU A 347 -6.34 -3.34 -14.38
N ASP A 348 -5.85 -2.52 -13.45
CA ASP A 348 -4.42 -2.48 -13.13
C ASP A 348 -4.00 -3.52 -12.11
N GLY A 349 -2.70 -3.76 -12.06
CA GLY A 349 -2.14 -4.76 -11.15
C GLY A 349 -1.79 -4.30 -9.76
N TYR A 350 -0.61 -4.71 -9.31
CA TYR A 350 -0.16 -4.42 -7.95
C TYR A 350 1.27 -3.90 -7.85
N TYR A 351 1.57 -3.18 -6.77
CA TYR A 351 2.91 -2.64 -6.54
C TYR A 351 3.37 -2.87 -5.09
N PHE A 352 4.67 -2.99 -4.91
CA PHE A 352 5.30 -3.26 -3.63
C PHE A 352 5.65 -2.04 -2.80
N LYS A 353 5.56 -2.20 -1.49
CA LYS A 353 5.93 -1.15 -0.55
C LYS A 353 6.46 -1.85 0.69
N PHE A 354 7.43 -1.23 1.36
CA PHE A 354 7.89 -1.76 2.63
C PHE A 354 8.21 -0.61 3.56
N GLY A 355 8.26 -0.90 4.85
CA GLY A 355 8.51 0.12 5.85
C GLY A 355 7.59 -0.15 7.03
N ILE A 356 6.88 0.89 7.46
CA ILE A 356 5.97 0.75 8.59
C ILE A 356 4.57 1.26 8.28
N TYR A 357 3.58 0.40 8.51
CA TYR A 357 2.18 0.78 8.34
C TYR A 357 1.57 0.28 9.64
N ARG A 358 1.47 1.19 10.61
CA ARG A 358 0.94 0.85 11.93
C ARG A 358 -0.57 0.87 11.91
N VAL A 359 -1.17 -0.31 12.06
CA VAL A 359 -2.62 -0.46 12.03
C VAL A 359 -3.21 -0.95 13.34
N GLY A 360 -4.53 -1.14 13.35
CA GLY A 360 -5.22 -1.61 14.55
C GLY A 360 -5.29 -0.58 15.65
N ASP A 361 -5.26 0.70 15.29
CA ASP A 361 -5.33 1.78 16.26
C ASP A 361 -4.26 1.62 17.34
N SER A 362 -3.05 1.30 16.91
CA SER A 362 -1.93 1.07 17.82
C SER A 362 -0.94 2.25 17.85
N THR A 363 -0.36 2.49 19.02
CA THR A 363 0.61 3.57 19.19
C THR A 363 1.91 3.03 19.77
N VAL A 364 2.03 1.70 19.79
CA VAL A 364 3.24 1.05 20.29
C VAL A 364 4.37 1.40 19.33
N PRO A 365 5.49 1.92 19.85
CA PRO A 365 6.64 2.30 19.03
C PRO A 365 7.10 1.18 18.10
N VAL A 366 7.53 1.56 16.91
CA VAL A 366 8.00 0.58 15.92
C VAL A 366 9.31 1.04 15.30
N CYS A 367 10.28 0.14 15.22
CA CYS A 367 11.57 0.45 14.62
C CYS A 367 12.27 -0.81 14.13
N TYR A 368 12.60 -0.83 12.85
CA TYR A 368 13.34 -1.94 12.25
C TYR A 368 13.96 -1.48 10.93
N ASN A 369 14.76 -2.35 10.31
CA ASN A 369 15.41 -2.00 9.05
C ASN A 369 14.98 -2.92 7.93
N LEU A 370 14.99 -2.37 6.70
CA LEU A 370 14.62 -3.12 5.51
C LEU A 370 15.61 -2.82 4.39
N ALA A 371 15.76 -3.75 3.46
CA ALA A 371 16.70 -3.57 2.35
C ALA A 371 16.58 -4.67 1.29
N GLY A 372 17.46 -4.58 0.29
CA GLY A 372 17.55 -5.58 -0.77
C GLY A 372 16.34 -6.00 -1.59
N TYR A 373 15.51 -5.06 -2.02
CA TYR A 373 14.34 -5.42 -2.81
C TYR A 373 14.71 -5.65 -4.28
N SER A 374 14.06 -6.64 -4.88
CA SER A 374 14.25 -6.95 -6.29
C SER A 374 13.03 -7.74 -6.71
N GLU A 375 12.65 -7.58 -7.97
CA GLU A 375 11.50 -8.30 -8.52
C GLU A 375 11.85 -8.76 -9.92
N ARG A 376 11.44 -9.98 -10.25
CA ARG A 376 11.70 -10.54 -11.57
C ARG A 376 10.46 -11.18 -12.16
N LEU A 377 10.53 -11.50 -13.45
CA LEU A 377 9.42 -12.12 -14.16
C LEU A 377 9.66 -13.64 -14.16
N GLU A 378 8.58 -14.41 -14.05
CA GLU A 378 8.67 -15.87 -14.05
C GLU A 378 7.28 -16.49 -14.09
C1 SGN B . -6.20 6.53 -2.38
C2 SGN B . -5.37 5.62 -1.47
C3 SGN B . -5.11 6.32 -0.13
C4 SGN B . -4.49 7.70 -0.36
C5 SGN B . -5.35 8.48 -1.36
C6 SGN B . -4.67 9.82 -1.65
N2 SGN B . -6.09 4.37 -1.22
O1 SGN B . -7.46 6.82 -1.78
O3 SGN B . -4.22 5.52 0.64
O4 SGN B . -4.45 8.43 0.89
O5 SGN B . -5.48 7.75 -2.59
O6 SGN B . -5.45 10.60 -2.55
S1 SGN B . -6.20 3.47 -2.58
O1S SGN B . -7.38 3.93 -3.39
O2S SGN B . -4.95 3.65 -3.39
O3S SGN B . -6.36 2.03 -2.22
S2 SGN B . -5.04 11.92 -2.91
O4S SGN B . -4.65 12.67 -1.67
O5S SGN B . -3.86 11.84 -3.84
O6S SGN B . -6.17 12.64 -3.59
S UAP B . -0.44 9.56 3.07
C1 UAP B . -3.27 8.05 1.66
C2 UAP B . -2.64 9.28 2.32
O2 UAP B . -1.66 8.83 3.25
C3 UAP B . -3.72 10.03 3.11
O3 UAP B . -4.53 10.79 2.19
C4 UAP B . -4.61 9.03 3.83
C5 UAP B . -4.51 7.65 3.59
O5 UAP B . -3.63 7.14 2.70
C6 UAP B . -5.43 6.71 4.37
O1S UAP B . 0.61 9.02 4.01
O2S UAP B . 0.03 9.42 1.66
O3S UAP B . -0.68 11.02 3.37
O6B UAP B . -5.36 5.48 4.12
O6A UAP B . -6.20 7.20 5.23
C1 SGN C . -6.95 -0.96 4.50
C2 SGN C . -8.22 -1.01 5.35
C3 SGN C . -7.85 -1.14 6.84
C4 SGN C . -6.97 -2.38 7.01
C5 SGN C . -5.74 -2.24 6.12
C6 SGN C . -4.85 -3.47 6.28
N2 SGN C . -9.03 0.21 5.15
O1 SGN C . -6.20 0.22 4.83
O3 SGN C . -9.04 -1.28 7.62
O4 SGN C . -6.59 -2.50 8.41
O5 SGN C . -6.15 -2.13 4.75
O6 SGN C . -5.51 -4.68 5.86
S1 SGN C . -9.93 0.10 3.80
O1S SGN C . -10.49 -1.29 3.68
O2S SGN C . -11.07 1.08 3.89
O3S SGN C . -9.09 0.41 2.60
S2 SGN C . -4.95 -5.95 6.15
O4S SGN C . -5.29 -6.07 7.62
O5S SGN C . -3.53 -5.72 5.76
O6S SGN C . -5.81 -6.83 5.29
S UAP C . -5.44 -6.11 11.23
C1 UAP C . -6.85 -3.86 8.85
C2 UAP C . -6.19 -4.14 10.20
O2 UAP C . -6.56 -5.46 10.61
C3 UAP C . -6.69 -3.13 11.24
O3 UAP C . -6.02 -1.88 11.07
C4 UAP C . -8.20 -2.91 11.06
C5 UAP C . -8.88 -3.39 9.94
O5 UAP C . -8.26 -4.10 8.95
C6 UAP C . -10.38 -3.15 9.84
O1S UAP C . -4.20 -5.84 10.44
O2S UAP C . -5.28 -5.59 12.62
O3S UAP C . -5.70 -7.58 11.27
O6B UAP C . -10.90 -2.35 10.65
O6A UAP C . -11.02 -3.73 8.94
CA CA D . -12.13 -3.13 -9.11
#